data_1PYW
#
_entry.id   1PYW
#
_cell.length_a   172.507
_cell.length_b   172.507
_cell.length_c   121.652
_cell.angle_alpha   90.00
_cell.angle_beta   90.00
_cell.angle_gamma   120.00
#
_symmetry.space_group_name_H-M   'H 3'
#
loop_
_entity.id
_entity.type
_entity.pdbx_description
1 polymer 'HLA class II histocompatibility antigen, DR alpha chain'
2 polymer 'HLA class II histocompatibility antigen, DR-1 beta chain'
3 polymer '9-residue influenza virus hemagglutinin related peptide FVKQNA(MAA)AL'
4 polymer 'Enterotoxin type C-3'
5 water water
#
loop_
_entity_poly.entity_id
_entity_poly.type
_entity_poly.pdbx_seq_one_letter_code
_entity_poly.pdbx_strand_id
1 'polypeptide(L)'
;IKEEHVIIQAEFYLNPDQSGEFMFDFDGDEIFHVDMAKKETVWRLEEFGRFASFEAQGALANIAVDKANLEIMTKRSNYT
PITNVPPEVTVLTNSPVELREPNVLICFIDKFTPPVVNVTWLRNGKPVTTGVSETVFLPREDHLFRKFHYLPFLPSTEDV
YDCRVEHWGLDEPLLKHWEFDA
;
A
2 'polypeptide(L)'
;GDTRPRFLWQLKFECHFFNGTERVRLLERCIYNQEESVRFDSDVGEYRAVTELGRPDAEYWNSQKDLLEQRRAAVDTYCR
HNYGVGESFTVQRRVEPKVTVYPSKTQPLQHHNLLVCSVSGFYPGSIEVRWFRNGQEEKAGVVSTGLIQNGDWTFQTLVM
LETVPRSGEVYTCQVEHPSVTSPLTVEWRA
;
B
3 'polypeptide(L)' (ACE)FVKQNA(MAA)AL C
4 'polypeptide(L)'
;ESQPDPMPDDLHKSSEFTGTMGNMKYLYDDHYVSATKVKSVDSFFKWDLIYNISDKKLKNYDKVKTELLNEDLAKKYKDE
VVDVYGSNYYVNCYFSSKDNVGKVTGGKTCMYGGITKHEGNHFDNGNLQNVLVRVYENKRNTISFEVQTDKKSVTAQELD
IKARNFLINKKNLYEFNSSPYETGYIKFIENNGNTFWYDMMPAPGDKFDQSKYLMMYNDNKTVDSKSVKIEVHLTTKNG
;
D
#
loop_
_chem_comp.id
_chem_comp.type
_chem_comp.name
_chem_comp.formula
ACE non-polymer 'ACETYL GROUP' 'C2 H4 O'
#
# COMPACT_ATOMS: atom_id res chain seq x y z
N GLU A 4 -0.72 -21.65 -17.19
CA GLU A 4 -0.56 -22.30 -15.87
C GLU A 4 -0.19 -21.33 -14.74
N HIS A 5 0.21 -20.11 -15.10
CA HIS A 5 0.55 -19.09 -14.10
C HIS A 5 0.11 -17.71 -14.58
N VAL A 6 -0.31 -16.87 -13.65
CA VAL A 6 -0.76 -15.53 -13.99
C VAL A 6 -0.26 -14.48 -13.00
N ILE A 7 0.33 -13.41 -13.52
CA ILE A 7 0.80 -12.31 -12.67
C ILE A 7 -0.02 -11.08 -13.07
N ILE A 8 -0.69 -10.48 -12.09
CA ILE A 8 -1.51 -9.32 -12.38
C ILE A 8 -1.11 -8.07 -11.62
N GLN A 9 -0.93 -6.99 -12.36
CA GLN A 9 -0.63 -5.69 -11.79
C GLN A 9 -2.04 -5.08 -11.77
N ALA A 10 -2.60 -4.89 -10.58
CA ALA A 10 -3.95 -4.34 -10.48
C ALA A 10 -3.95 -3.00 -9.75
N GLU A 11 -4.65 -2.02 -10.32
CA GLU A 11 -4.74 -0.70 -9.71
C GLU A 11 -6.16 -0.17 -9.78
N PHE A 12 -6.47 0.82 -8.96
CA PHE A 12 -7.77 1.46 -9.00
C PHE A 12 -7.78 2.77 -8.26
N TYR A 13 -8.71 3.63 -8.66
CA TYR A 13 -8.89 4.90 -7.97
C TYR A 13 -10.40 4.97 -7.80
N LEU A 14 -10.84 5.40 -6.63
CA LEU A 14 -12.26 5.49 -6.34
C LEU A 14 -12.67 6.85 -5.81
N ASN A 15 -13.67 7.46 -6.45
CA ASN A 15 -14.22 8.74 -6.02
C ASN A 15 -15.60 8.44 -5.39
N PRO A 16 -16.03 9.27 -4.43
CA PRO A 16 -15.35 10.45 -3.91
C PRO A 16 -14.42 10.11 -2.74
N ASP A 17 -14.21 8.82 -2.48
CA ASP A 17 -13.36 8.42 -1.37
C ASP A 17 -11.90 8.78 -1.56
N GLN A 18 -11.49 8.99 -2.80
CA GLN A 18 -10.09 9.31 -3.08
C GLN A 18 -9.23 8.12 -2.67
N SER A 19 -9.76 6.91 -2.84
CA SER A 19 -9.01 5.72 -2.49
C SER A 19 -8.24 5.26 -3.71
N GLY A 20 -6.98 4.90 -3.51
CA GLY A 20 -6.16 4.42 -4.61
C GLY A 20 -5.40 3.17 -4.19
N GLU A 21 -5.14 2.28 -5.14
CA GLU A 21 -4.40 1.07 -4.81
C GLU A 21 -3.57 0.60 -6.00
N PHE A 22 -2.42 0.01 -5.69
CA PHE A 22 -1.52 -0.52 -6.71
C PHE A 22 -0.90 -1.77 -6.10
N MET A 23 -1.13 -2.92 -6.74
CA MET A 23 -0.61 -4.18 -6.22
C MET A 23 -0.29 -5.18 -7.32
N PHE A 24 0.53 -6.17 -6.96
CA PHE A 24 0.90 -7.25 -7.87
C PHE A 24 0.32 -8.53 -7.27
N ASP A 25 -0.14 -9.40 -8.14
CA ASP A 25 -0.81 -10.65 -7.78
C ASP A 25 -0.16 -11.83 -8.51
N PHE A 26 -0.04 -12.96 -7.83
CA PHE A 26 0.52 -14.17 -8.43
C PHE A 26 -0.41 -15.35 -8.15
N ASP A 27 -1.06 -15.84 -9.19
CA ASP A 27 -2.00 -16.95 -9.06
C ASP A 27 -3.01 -16.69 -7.92
N GLY A 28 -3.46 -15.45 -7.81
CA GLY A 28 -4.43 -15.10 -6.79
C GLY A 28 -3.88 -14.64 -5.46
N ASP A 29 -2.58 -14.82 -5.23
CA ASP A 29 -1.97 -14.39 -3.97
C ASP A 29 -1.16 -13.12 -4.16
N GLU A 30 -1.38 -12.15 -3.27
CA GLU A 30 -0.67 -10.88 -3.35
C GLU A 30 0.83 -10.98 -3.13
N ILE A 31 1.59 -10.37 -4.03
CA ILE A 31 3.04 -10.35 -3.90
C ILE A 31 3.38 -9.11 -3.07
N PHE A 32 2.76 -7.99 -3.43
CA PHE A 32 2.97 -6.73 -2.71
C PHE A 32 1.97 -5.70 -3.18
N HIS A 33 1.93 -4.57 -2.46
CA HIS A 33 1.11 -3.43 -2.84
C HIS A 33 1.91 -2.22 -2.39
N VAL A 34 1.57 -1.05 -2.91
CA VAL A 34 2.30 0.13 -2.51
C VAL A 34 1.52 0.98 -1.52
N ASP A 35 2.20 1.42 -0.46
CA ASP A 35 1.59 2.27 0.55
C ASP A 35 1.54 3.64 -0.12
N MET A 36 0.33 4.12 -0.43
CA MET A 36 0.14 5.41 -1.09
C MET A 36 0.63 6.62 -0.29
N ALA A 37 0.66 6.51 1.04
CA ALA A 37 1.09 7.62 1.88
C ALA A 37 2.59 7.59 2.15
N LYS A 38 3.11 6.41 2.51
CA LYS A 38 4.53 6.29 2.79
C LYS A 38 5.33 6.15 1.49
N LYS A 39 4.64 5.83 0.40
CA LYS A 39 5.28 5.67 -0.89
C LYS A 39 6.36 4.59 -0.82
N GLU A 40 5.97 3.43 -0.30
CA GLU A 40 6.89 2.32 -0.21
C GLU A 40 6.20 0.99 -0.46
N THR A 41 7.00 0.01 -0.85
CA THR A 41 6.49 -1.31 -1.15
C THR A 41 6.20 -2.10 0.11
N VAL A 42 5.03 -2.70 0.18
CA VAL A 42 4.67 -3.51 1.35
C VAL A 42 4.55 -4.94 0.84
N TRP A 43 5.52 -5.77 1.18
CA TRP A 43 5.52 -7.16 0.73
C TRP A 43 4.54 -8.00 1.54
N ARG A 44 3.81 -8.89 0.87
CA ARG A 44 2.82 -9.71 1.54
C ARG A 44 3.50 -10.62 2.54
N LEU A 45 4.63 -11.18 2.14
CA LEU A 45 5.43 -12.02 3.03
C LEU A 45 6.81 -11.38 3.14
N GLU A 46 7.28 -11.26 4.38
CA GLU A 46 8.59 -10.67 4.69
C GLU A 46 9.71 -11.08 3.74
N GLU A 47 9.86 -12.37 3.48
CA GLU A 47 10.93 -12.84 2.62
C GLU A 47 10.97 -12.29 1.19
N PHE A 48 9.80 -11.99 0.62
CA PHE A 48 9.79 -11.46 -0.75
C PHE A 48 10.67 -10.23 -0.85
N GLY A 49 10.70 -9.43 0.22
CA GLY A 49 11.50 -8.22 0.23
C GLY A 49 12.99 -8.48 0.15
N ARG A 50 13.40 -9.70 0.50
CA ARG A 50 14.81 -10.06 0.46
C ARG A 50 15.16 -10.71 -0.87
N PHE A 51 14.13 -11.14 -1.60
CA PHE A 51 14.38 -11.80 -2.89
C PHE A 51 14.13 -10.90 -4.10
N ALA A 52 13.48 -9.76 -3.89
CA ALA A 52 13.19 -8.86 -5.00
C ALA A 52 12.98 -7.44 -4.55
N SER A 53 12.69 -6.56 -5.50
CA SER A 53 12.46 -5.16 -5.19
C SER A 53 11.46 -4.57 -6.18
N PHE A 54 11.02 -3.35 -5.88
CA PHE A 54 10.08 -2.62 -6.73
C PHE A 54 10.18 -1.16 -6.36
N GLU A 55 10.20 -0.29 -7.37
CA GLU A 55 10.27 1.15 -7.10
C GLU A 55 8.88 1.69 -6.85
N ALA A 56 8.49 1.69 -5.57
CA ALA A 56 7.17 2.15 -5.15
C ALA A 56 6.79 3.55 -5.60
N GLN A 57 7.74 4.48 -5.53
CA GLN A 57 7.53 5.87 -5.90
C GLN A 57 6.87 6.00 -7.27
N GLY A 58 7.35 5.20 -8.21
CA GLY A 58 6.82 5.25 -9.56
C GLY A 58 5.37 4.84 -9.71
N ALA A 59 4.88 3.98 -8.82
CA ALA A 59 3.50 3.54 -8.89
C ALA A 59 2.52 4.70 -8.76
N LEU A 60 2.91 5.73 -8.01
CA LEU A 60 2.05 6.89 -7.81
C LEU A 60 1.80 7.63 -9.11
N ALA A 61 2.71 7.49 -10.07
CA ALA A 61 2.55 8.15 -11.35
C ALA A 61 1.34 7.50 -12.03
N ASN A 62 1.21 6.19 -11.87
CA ASN A 62 0.09 5.46 -12.47
C ASN A 62 -1.23 5.84 -11.80
N ILE A 63 -1.22 5.99 -10.48
CA ILE A 63 -2.45 6.34 -9.78
C ILE A 63 -2.95 7.72 -10.21
N ALA A 64 -2.03 8.65 -10.49
CA ALA A 64 -2.44 9.98 -10.92
C ALA A 64 -3.12 9.89 -12.30
N VAL A 65 -2.57 9.06 -13.17
CA VAL A 65 -3.17 8.88 -14.50
C VAL A 65 -4.53 8.20 -14.32
N ASP A 66 -4.60 7.22 -13.41
CA ASP A 66 -5.86 6.52 -13.17
C ASP A 66 -6.96 7.47 -12.70
N LYS A 67 -6.62 8.40 -11.81
CA LYS A 67 -7.60 9.34 -11.33
C LYS A 67 -8.08 10.24 -12.47
N ALA A 68 -7.14 10.81 -13.24
CA ALA A 68 -7.51 11.67 -14.35
C ALA A 68 -8.42 10.90 -15.31
N ASN A 69 -8.08 9.64 -15.56
CA ASN A 69 -8.90 8.82 -16.45
C ASN A 69 -10.28 8.56 -15.85
N LEU A 70 -10.33 8.31 -14.55
CA LEU A 70 -11.63 8.06 -13.90
C LEU A 70 -12.56 9.24 -14.09
N GLU A 71 -12.06 10.45 -13.88
CA GLU A 71 -12.86 11.66 -14.01
C GLU A 71 -13.37 11.86 -15.43
N ILE A 72 -12.54 11.52 -16.41
CA ILE A 72 -12.95 11.63 -17.82
C ILE A 72 -14.07 10.62 -18.10
N MET A 73 -13.90 9.40 -17.60
CA MET A 73 -14.88 8.33 -17.80
C MET A 73 -16.18 8.61 -17.03
N THR A 74 -16.04 9.18 -15.85
CA THR A 74 -17.20 9.50 -15.04
C THR A 74 -18.10 10.47 -15.80
N LYS A 75 -17.50 11.55 -16.31
CA LYS A 75 -18.24 12.55 -17.06
C LYS A 75 -18.81 11.95 -18.35
N ARG A 76 -18.02 11.11 -19.02
CA ARG A 76 -18.45 10.49 -20.26
C ARG A 76 -19.68 9.61 -20.07
N SER A 77 -19.78 8.94 -18.92
CA SER A 77 -20.93 8.08 -18.63
C SER A 77 -22.11 8.88 -18.10
N ASN A 78 -22.01 10.21 -18.13
CA ASN A 78 -23.06 11.06 -17.60
C ASN A 78 -23.23 10.73 -16.13
N TYR A 79 -22.09 10.64 -15.46
CA TYR A 79 -22.04 10.37 -14.03
C TYR A 79 -22.87 9.19 -13.57
N THR A 80 -22.65 8.05 -14.23
CA THR A 80 -23.32 6.82 -13.88
C THR A 80 -22.57 6.23 -12.68
N PRO A 81 -23.23 6.15 -11.52
CA PRO A 81 -22.60 5.61 -10.31
C PRO A 81 -22.49 4.09 -10.34
N ILE A 82 -21.60 3.55 -9.53
CA ILE A 82 -21.43 2.11 -9.47
C ILE A 82 -22.58 1.49 -8.67
N THR A 83 -22.94 0.27 -9.03
CA THR A 83 -23.98 -0.46 -8.32
C THR A 83 -23.32 -1.19 -7.17
N ASN A 84 -23.79 -0.98 -5.95
CA ASN A 84 -23.21 -1.66 -4.80
C ASN A 84 -23.54 -3.16 -4.88
N VAL A 85 -22.51 -3.99 -4.72
CA VAL A 85 -22.68 -5.44 -4.73
C VAL A 85 -22.19 -5.89 -3.35
N PRO A 86 -23.11 -6.39 -2.50
CA PRO A 86 -22.72 -6.84 -1.16
C PRO A 86 -21.76 -8.03 -1.13
N PRO A 87 -20.87 -8.05 -0.13
CA PRO A 87 -19.91 -9.15 -0.02
C PRO A 87 -20.49 -10.45 0.46
N GLU A 88 -19.81 -11.53 0.06
CA GLU A 88 -20.15 -12.87 0.48
C GLU A 88 -19.13 -13.00 1.60
N VAL A 89 -19.58 -13.24 2.83
CA VAL A 89 -18.67 -13.34 3.97
C VAL A 89 -18.62 -14.73 4.59
N THR A 90 -17.41 -15.25 4.76
CA THR A 90 -17.21 -16.56 5.35
C THR A 90 -16.14 -16.49 6.44
N VAL A 91 -16.33 -17.25 7.51
CA VAL A 91 -15.36 -17.29 8.59
C VAL A 91 -14.88 -18.73 8.76
N LEU A 92 -13.57 -18.90 8.72
CA LEU A 92 -12.96 -20.22 8.88
C LEU A 92 -11.62 -20.09 9.60
N THR A 93 -11.08 -21.21 10.03
CA THR A 93 -9.78 -21.23 10.70
C THR A 93 -8.78 -21.64 9.63
N ASN A 94 -7.53 -21.22 9.75
CA ASN A 94 -6.54 -21.58 8.74
C ASN A 94 -6.25 -23.08 8.81
N SER A 95 -6.55 -23.70 9.94
CA SER A 95 -6.32 -25.12 10.12
C SER A 95 -7.34 -25.72 11.09
N PRO A 96 -7.49 -27.05 11.09
CA PRO A 96 -8.46 -27.68 12.00
C PRO A 96 -8.19 -27.22 13.44
N VAL A 97 -9.24 -26.75 14.11
CA VAL A 97 -9.13 -26.25 15.46
C VAL A 97 -8.94 -27.32 16.54
N GLU A 98 -8.01 -27.04 17.45
CA GLU A 98 -7.70 -27.93 18.57
C GLU A 98 -7.70 -27.07 19.82
N LEU A 99 -8.38 -27.51 20.88
CA LEU A 99 -8.45 -26.74 22.12
C LEU A 99 -7.09 -26.33 22.68
N ARG A 100 -6.97 -25.07 23.06
CA ARG A 100 -5.74 -24.50 23.62
C ARG A 100 -4.57 -24.55 22.64
N GLU A 101 -4.85 -24.89 21.38
CA GLU A 101 -3.82 -24.96 20.36
C GLU A 101 -3.95 -23.73 19.44
N PRO A 102 -2.91 -22.88 19.43
CA PRO A 102 -2.88 -21.65 18.63
C PRO A 102 -3.38 -21.84 17.19
N ASN A 103 -4.25 -20.92 16.75
CA ASN A 103 -4.81 -20.97 15.41
C ASN A 103 -5.12 -19.55 14.95
N VAL A 104 -5.75 -19.42 13.78
CA VAL A 104 -6.09 -18.12 13.24
C VAL A 104 -7.46 -18.10 12.59
N LEU A 105 -8.28 -17.12 12.98
CA LEU A 105 -9.59 -16.96 12.41
C LEU A 105 -9.47 -16.10 11.16
N ILE A 106 -10.06 -16.58 10.07
CA ILE A 106 -10.00 -15.85 8.81
C ILE A 106 -11.39 -15.39 8.44
N CYS A 107 -11.54 -14.10 8.16
CA CYS A 107 -12.82 -13.58 7.73
C CYS A 107 -12.63 -13.29 6.25
N PHE A 108 -13.22 -14.13 5.41
CA PHE A 108 -13.12 -13.96 3.96
C PHE A 108 -14.28 -13.13 3.45
N ILE A 109 -13.94 -11.98 2.87
CA ILE A 109 -14.92 -11.06 2.30
C ILE A 109 -14.69 -11.14 0.80
N ASP A 110 -15.69 -11.63 0.07
CA ASP A 110 -15.55 -11.85 -1.36
C ASP A 110 -16.70 -11.34 -2.25
N LYS A 111 -16.43 -11.27 -3.54
CA LYS A 111 -17.39 -10.84 -4.57
C LYS A 111 -18.12 -9.55 -4.27
N PHE A 112 -17.39 -8.47 -4.03
CA PHE A 112 -18.05 -7.21 -3.71
C PHE A 112 -17.42 -6.00 -4.37
N THR A 113 -18.19 -4.91 -4.40
CA THR A 113 -17.73 -3.65 -4.97
C THR A 113 -18.76 -2.59 -4.56
N PRO A 114 -18.34 -1.32 -4.38
CA PRO A 114 -16.98 -0.78 -4.52
C PRO A 114 -16.05 -1.27 -3.41
N PRO A 115 -14.73 -1.09 -3.59
CA PRO A 115 -13.74 -1.53 -2.59
C PRO A 115 -13.63 -0.65 -1.34
N VAL A 116 -14.66 -0.73 -0.51
CA VAL A 116 -14.72 0.01 0.76
C VAL A 116 -15.53 -0.86 1.71
N VAL A 117 -14.91 -1.28 2.80
CA VAL A 117 -15.60 -2.11 3.79
C VAL A 117 -15.09 -1.80 5.19
N ASN A 118 -15.92 -2.11 6.18
CA ASN A 118 -15.52 -1.91 7.57
C ASN A 118 -15.69 -3.26 8.23
N VAL A 119 -14.58 -3.80 8.73
CA VAL A 119 -14.59 -5.09 9.38
C VAL A 119 -14.12 -5.00 10.82
N THR A 120 -14.83 -5.68 11.70
CA THR A 120 -14.48 -5.70 13.12
C THR A 120 -14.69 -7.10 13.66
N TRP A 121 -13.80 -7.50 14.57
CA TRP A 121 -13.88 -8.82 15.19
C TRP A 121 -14.52 -8.67 16.57
N LEU A 122 -15.36 -9.63 16.94
CA LEU A 122 -16.02 -9.60 18.23
C LEU A 122 -15.80 -10.91 18.99
N ARG A 123 -15.19 -10.83 20.16
CA ARG A 123 -14.96 -11.99 21.00
C ARG A 123 -15.95 -11.86 22.15
N ASN A 124 -16.96 -12.74 22.17
CA ASN A 124 -17.97 -12.70 23.19
C ASN A 124 -18.73 -11.38 23.18
N GLY A 125 -19.16 -10.96 21.99
CA GLY A 125 -19.91 -9.72 21.85
C GLY A 125 -19.09 -8.45 22.01
N LYS A 126 -17.80 -8.58 22.31
CA LYS A 126 -16.94 -7.43 22.49
C LYS A 126 -15.87 -7.34 21.40
N PRO A 127 -15.63 -6.11 20.89
CA PRO A 127 -14.64 -5.83 19.85
C PRO A 127 -13.19 -6.18 20.17
N VAL A 128 -12.55 -6.92 19.27
CA VAL A 128 -11.16 -7.35 19.42
C VAL A 128 -10.26 -6.40 18.64
N THR A 129 -8.97 -6.42 18.94
CA THR A 129 -8.01 -5.54 18.28
C THR A 129 -6.60 -6.14 18.35
N THR A 130 -6.37 -6.91 19.39
CA THR A 130 -5.07 -7.52 19.61
C THR A 130 -4.64 -8.51 18.54
N GLY A 131 -3.54 -8.18 17.87
CA GLY A 131 -3.00 -9.05 16.84
C GLY A 131 -3.73 -9.19 15.52
N VAL A 132 -4.82 -8.45 15.33
CA VAL A 132 -5.56 -8.55 14.07
C VAL A 132 -4.81 -7.88 12.92
N SER A 133 -4.93 -8.45 11.74
CA SER A 133 -4.29 -7.91 10.54
C SER A 133 -5.26 -8.08 9.37
N GLU A 134 -4.94 -7.46 8.24
CA GLU A 134 -5.80 -7.55 7.06
C GLU A 134 -4.99 -7.31 5.80
N THR A 135 -5.59 -7.67 4.67
CA THR A 135 -4.95 -7.48 3.38
C THR A 135 -5.66 -6.32 2.68
N VAL A 136 -5.10 -5.87 1.56
CA VAL A 136 -5.72 -4.81 0.78
C VAL A 136 -6.77 -5.50 -0.09
N PHE A 137 -7.43 -4.75 -0.98
CA PHE A 137 -8.43 -5.35 -1.85
C PHE A 137 -7.75 -6.11 -2.97
N LEU A 138 -8.18 -7.35 -3.18
CA LEU A 138 -7.59 -8.20 -4.21
C LEU A 138 -8.54 -8.28 -5.40
N PRO A 139 -7.98 -8.31 -6.62
CA PRO A 139 -8.77 -8.38 -7.85
C PRO A 139 -9.45 -9.72 -8.09
N ARG A 140 -10.50 -9.68 -8.92
CA ARG A 140 -11.25 -10.88 -9.30
C ARG A 140 -11.48 -10.76 -10.80
N GLU A 141 -11.63 -11.90 -11.48
CA GLU A 141 -11.86 -11.90 -12.92
C GLU A 141 -13.15 -11.15 -13.28
N ASP A 142 -14.15 -11.16 -12.41
CA ASP A 142 -15.40 -10.46 -12.69
C ASP A 142 -15.31 -8.99 -12.31
N HIS A 143 -14.12 -8.58 -11.89
CA HIS A 143 -13.84 -7.19 -11.53
C HIS A 143 -14.42 -6.70 -10.20
N LEU A 144 -14.86 -7.66 -9.38
CA LEU A 144 -15.35 -7.38 -8.04
C LEU A 144 -14.08 -7.55 -7.20
N PHE A 145 -14.17 -7.48 -5.88
CA PHE A 145 -12.98 -7.62 -5.04
C PHE A 145 -13.06 -8.71 -3.98
N ARG A 146 -11.89 -9.04 -3.43
CA ARG A 146 -11.76 -10.02 -2.34
C ARG A 146 -10.92 -9.32 -1.28
N LYS A 147 -11.00 -9.80 -0.05
CA LYS A 147 -10.24 -9.21 1.05
C LYS A 147 -10.21 -10.21 2.20
N PHE A 148 -9.11 -10.24 2.94
CA PHE A 148 -8.96 -11.16 4.07
C PHE A 148 -8.62 -10.39 5.35
N HIS A 149 -9.29 -10.74 6.44
CA HIS A 149 -9.01 -10.15 7.75
C HIS A 149 -8.64 -11.32 8.65
N TYR A 150 -7.63 -11.14 9.50
CA TYR A 150 -7.18 -12.23 10.34
C TYR A 150 -7.18 -11.92 11.83
N LEU A 151 -7.44 -12.96 12.62
CA LEU A 151 -7.47 -12.84 14.08
C LEU A 151 -6.82 -14.06 14.73
N PRO A 152 -5.58 -13.90 15.23
CA PRO A 152 -4.93 -15.03 15.89
C PRO A 152 -5.66 -15.28 17.21
N PHE A 153 -5.85 -16.53 17.59
CA PHE A 153 -6.55 -16.81 18.84
C PHE A 153 -6.20 -18.17 19.44
N LEU A 154 -6.66 -18.40 20.66
CA LEU A 154 -6.42 -19.66 21.37
C LEU A 154 -7.78 -20.30 21.59
N PRO A 155 -8.09 -21.36 20.86
CA PRO A 155 -9.38 -22.07 20.97
C PRO A 155 -9.79 -22.46 22.39
N SER A 156 -11.07 -22.28 22.68
CA SER A 156 -11.63 -22.63 23.99
C SER A 156 -13.15 -22.76 23.83
N THR A 157 -13.75 -23.64 24.62
CA THR A 157 -15.18 -23.87 24.55
C THR A 157 -15.99 -22.69 25.05
N GLU A 158 -15.32 -21.69 25.61
CA GLU A 158 -16.01 -20.52 26.13
C GLU A 158 -16.02 -19.32 25.18
N ASP A 159 -14.87 -19.02 24.57
CA ASP A 159 -14.78 -17.90 23.65
C ASP A 159 -15.51 -18.12 22.32
N VAL A 160 -16.44 -17.22 22.01
CA VAL A 160 -17.20 -17.27 20.76
C VAL A 160 -16.81 -16.02 19.96
N TYR A 161 -16.84 -16.12 18.64
CA TYR A 161 -16.46 -14.96 17.83
C TYR A 161 -17.46 -14.58 16.74
N ASP A 162 -17.30 -13.36 16.23
CA ASP A 162 -18.14 -12.85 15.16
C ASP A 162 -17.31 -11.92 14.29
N CYS A 163 -17.52 -12.01 12.97
CA CYS A 163 -16.83 -11.10 12.06
C CYS A 163 -17.96 -10.17 11.58
N ARG A 164 -17.91 -8.93 12.01
CA ARG A 164 -18.91 -7.94 11.63
C ARG A 164 -18.46 -7.16 10.40
N VAL A 165 -19.21 -7.28 9.32
CA VAL A 165 -18.87 -6.59 8.08
C VAL A 165 -19.92 -5.58 7.63
N GLU A 166 -19.46 -4.37 7.31
CA GLU A 166 -20.33 -3.30 6.85
C GLU A 166 -19.94 -2.94 5.43
N HIS A 167 -20.95 -2.75 4.59
CA HIS A 167 -20.73 -2.39 3.19
C HIS A 167 -22.02 -1.77 2.69
N TRP A 168 -21.89 -0.77 1.82
CA TRP A 168 -23.06 -0.07 1.28
C TRP A 168 -24.09 -0.99 0.63
N GLY A 169 -23.66 -2.17 0.17
CA GLY A 169 -24.59 -3.09 -0.45
C GLY A 169 -25.38 -3.90 0.56
N LEU A 170 -25.02 -3.78 1.83
CA LEU A 170 -25.69 -4.50 2.90
C LEU A 170 -26.58 -3.52 3.65
N ASP A 171 -27.87 -3.84 3.75
CA ASP A 171 -28.83 -2.98 4.44
C ASP A 171 -28.50 -2.89 5.92
N GLU A 172 -27.93 -3.96 6.47
CA GLU A 172 -27.56 -4.04 7.88
C GLU A 172 -26.18 -4.69 7.99
N PRO A 173 -25.47 -4.45 9.10
CA PRO A 173 -24.15 -5.06 9.25
C PRO A 173 -24.31 -6.58 9.25
N LEU A 174 -23.39 -7.27 8.63
CA LEU A 174 -23.45 -8.73 8.56
C LEU A 174 -22.50 -9.33 9.59
N LEU A 175 -23.03 -10.22 10.43
CA LEU A 175 -22.21 -10.87 11.46
C LEU A 175 -22.13 -12.36 11.22
N LYS A 176 -20.90 -12.84 11.00
CA LYS A 176 -20.69 -14.26 10.79
C LYS A 176 -20.11 -14.79 12.09
N HIS A 177 -20.84 -15.73 12.68
CA HIS A 177 -20.47 -16.32 13.96
C HIS A 177 -19.54 -17.51 13.88
N TRP A 178 -18.72 -17.68 14.90
CA TRP A 178 -17.80 -18.81 14.96
C TRP A 178 -17.64 -19.22 16.42
N GLU A 179 -17.53 -20.53 16.66
CA GLU A 179 -17.36 -21.07 18.00
C GLU A 179 -16.91 -22.52 17.89
N PHE A 180 -16.14 -22.97 18.87
CA PHE A 180 -15.65 -24.33 18.89
C PHE A 180 -16.79 -25.34 18.83
N ASP A 181 -16.67 -26.31 17.93
CA ASP A 181 -17.70 -27.34 17.75
C ASP A 181 -17.11 -28.74 17.66
N ALA A 182 -15.97 -28.84 16.99
CA ALA A 182 -15.28 -30.13 16.81
C ALA A 182 -14.76 -30.69 18.12
N GLY B 1 -24.77 9.59 7.73
CA GLY B 1 -24.46 8.50 6.75
C GLY B 1 -23.94 9.04 5.43
N ASP B 2 -23.11 8.25 4.75
CA ASP B 2 -22.54 8.66 3.47
C ASP B 2 -23.33 8.01 2.34
N THR B 3 -24.12 8.81 1.63
CA THR B 3 -24.96 8.29 0.53
C THR B 3 -24.47 8.71 -0.85
N ARG B 4 -23.36 9.44 -0.94
CA ARG B 4 -22.86 9.90 -2.22
C ARG B 4 -22.58 8.73 -3.17
N PRO B 5 -22.84 8.92 -4.47
CA PRO B 5 -22.61 7.87 -5.46
C PRO B 5 -21.10 7.65 -5.60
N ARG B 6 -20.69 6.43 -5.93
CA ARG B 6 -19.26 6.14 -6.11
C ARG B 6 -18.97 5.91 -7.57
N PHE B 7 -17.76 6.28 -7.98
CA PHE B 7 -17.32 6.12 -9.35
C PHE B 7 -15.96 5.43 -9.24
N LEU B 8 -15.85 4.26 -9.83
CA LEU B 8 -14.64 3.45 -9.74
C LEU B 8 -13.97 3.22 -11.08
N TRP B 9 -12.64 3.15 -11.07
CA TRP B 9 -11.87 2.89 -12.27
C TRP B 9 -10.74 1.95 -11.93
N GLN B 10 -10.64 0.86 -12.70
CA GLN B 10 -9.59 -0.12 -12.49
C GLN B 10 -8.76 -0.26 -13.77
N LEU B 11 -7.48 -0.53 -13.60
CA LEU B 11 -6.57 -0.77 -14.72
C LEU B 11 -5.82 -2.02 -14.30
N LYS B 12 -5.86 -3.05 -15.14
CA LYS B 12 -5.19 -4.29 -14.83
C LYS B 12 -4.30 -4.71 -15.99
N PHE B 13 -3.16 -5.33 -15.68
CA PHE B 13 -2.25 -5.85 -16.69
C PHE B 13 -2.03 -7.29 -16.27
N GLU B 14 -2.56 -8.23 -17.05
CA GLU B 14 -2.41 -9.64 -16.72
C GLU B 14 -1.42 -10.38 -17.62
N CYS B 15 -0.44 -11.01 -17.00
CA CYS B 15 0.54 -11.78 -17.75
C CYS B 15 0.23 -13.26 -17.56
N HIS B 16 -0.21 -13.90 -18.62
CA HIS B 16 -0.56 -15.32 -18.59
C HIS B 16 0.60 -16.13 -19.16
N PHE B 17 1.14 -17.03 -18.34
CA PHE B 17 2.27 -17.87 -18.70
C PHE B 17 1.89 -19.32 -18.95
N PHE B 18 2.33 -19.86 -20.08
CA PHE B 18 2.06 -21.26 -20.44
C PHE B 18 3.41 -21.95 -20.65
N ASN B 19 3.64 -23.03 -19.89
CA ASN B 19 4.89 -23.77 -19.97
C ASN B 19 6.03 -22.82 -19.64
N GLY B 20 5.88 -22.09 -18.55
CA GLY B 20 6.91 -21.14 -18.15
C GLY B 20 6.80 -19.88 -18.99
N THR B 21 7.89 -19.51 -19.65
CA THR B 21 7.90 -18.32 -20.49
C THR B 21 7.83 -18.68 -21.98
N GLU B 22 7.53 -19.94 -22.28
CA GLU B 22 7.43 -20.41 -23.65
C GLU B 22 6.34 -19.68 -24.42
N ARG B 23 5.16 -19.64 -23.83
CA ARG B 23 4.01 -18.96 -24.44
C ARG B 23 3.51 -17.94 -23.43
N VAL B 24 3.44 -16.68 -23.85
CA VAL B 24 2.97 -15.63 -22.96
C VAL B 24 1.89 -14.75 -23.60
N ARG B 25 0.86 -14.42 -22.82
CA ARG B 25 -0.20 -13.58 -23.31
C ARG B 25 -0.39 -12.42 -22.33
N LEU B 26 -0.34 -11.19 -22.84
CA LEU B 26 -0.53 -10.01 -21.99
C LEU B 26 -1.92 -9.43 -22.22
N LEU B 27 -2.67 -9.23 -21.15
CA LEU B 27 -4.01 -8.67 -21.27
C LEU B 27 -4.15 -7.41 -20.41
N GLU B 28 -4.19 -6.26 -21.07
CA GLU B 28 -4.32 -4.97 -20.41
C GLU B 28 -5.81 -4.59 -20.44
N ARG B 29 -6.43 -4.38 -19.28
CA ARG B 29 -7.86 -4.04 -19.28
C ARG B 29 -8.28 -2.89 -18.39
N CYS B 30 -9.23 -2.12 -18.91
CA CYS B 30 -9.78 -0.96 -18.22
C CYS B 30 -11.22 -1.28 -17.85
N ILE B 31 -11.59 -1.00 -16.60
CA ILE B 31 -12.94 -1.27 -16.13
C ILE B 31 -13.51 -0.02 -15.45
N TYR B 32 -14.58 0.55 -15.99
CA TYR B 32 -15.12 1.73 -15.37
C TYR B 32 -15.72 1.33 -14.01
N ASN B 33 -17.00 1.04 -13.90
CA ASN B 33 -17.51 0.63 -12.57
C ASN B 33 -17.38 -0.88 -12.44
N GLN B 34 -18.25 -1.63 -13.11
CA GLN B 34 -18.11 -3.08 -13.10
C GLN B 34 -18.09 -3.51 -14.56
N GLU B 35 -17.90 -2.52 -15.42
CA GLU B 35 -17.90 -2.73 -16.86
C GLU B 35 -16.53 -2.56 -17.54
N GLU B 36 -15.99 -3.66 -18.05
CA GLU B 36 -14.72 -3.61 -18.77
C GLU B 36 -15.08 -2.92 -20.09
N SER B 37 -14.42 -1.81 -20.40
CA SER B 37 -14.75 -1.04 -21.60
C SER B 37 -13.77 -1.11 -22.77
N VAL B 38 -12.50 -1.34 -22.47
CA VAL B 38 -11.48 -1.40 -23.51
C VAL B 38 -10.31 -2.23 -22.99
N ARG B 39 -9.61 -2.90 -23.91
CA ARG B 39 -8.48 -3.75 -23.54
C ARG B 39 -7.43 -3.87 -24.66
N PHE B 40 -6.25 -4.39 -24.30
CA PHE B 40 -5.21 -4.64 -25.28
C PHE B 40 -4.82 -6.08 -25.03
N ASP B 41 -5.06 -6.93 -26.03
CA ASP B 41 -4.75 -8.35 -25.97
C ASP B 41 -3.51 -8.52 -26.85
N SER B 42 -2.42 -9.03 -26.32
CA SER B 42 -1.21 -9.21 -27.14
C SER B 42 -1.44 -10.21 -28.28
N ASP B 43 -2.45 -11.07 -28.14
CA ASP B 43 -2.74 -12.03 -29.20
C ASP B 43 -3.49 -11.34 -30.35
N VAL B 44 -4.01 -10.15 -30.09
CA VAL B 44 -4.71 -9.39 -31.13
C VAL B 44 -3.75 -8.34 -31.73
N GLY B 45 -2.93 -7.72 -30.88
CA GLY B 45 -1.97 -6.76 -31.37
C GLY B 45 -2.33 -5.29 -31.31
N GLU B 46 -3.54 -4.98 -30.88
CA GLU B 46 -3.97 -3.59 -30.77
C GLU B 46 -5.13 -3.48 -29.80
N TYR B 47 -5.41 -2.27 -29.33
CA TYR B 47 -6.51 -2.03 -28.42
C TYR B 47 -7.84 -2.28 -29.12
N ARG B 48 -8.78 -2.87 -28.39
CA ARG B 48 -10.11 -3.15 -28.91
C ARG B 48 -11.13 -2.73 -27.85
N ALA B 49 -12.20 -2.07 -28.26
CA ALA B 49 -13.23 -1.65 -27.33
C ALA B 49 -13.99 -2.89 -26.91
N VAL B 50 -14.39 -2.95 -25.64
CA VAL B 50 -15.15 -4.11 -25.19
C VAL B 50 -16.63 -3.69 -25.18
N THR B 51 -16.87 -2.39 -25.02
CA THR B 51 -18.23 -1.85 -25.03
C THR B 51 -18.16 -0.51 -25.74
N GLU B 52 -19.32 0.10 -26.01
CA GLU B 52 -19.34 1.39 -26.69
C GLU B 52 -18.62 2.46 -25.89
N LEU B 53 -18.67 2.34 -24.57
CA LEU B 53 -18.03 3.31 -23.69
C LEU B 53 -16.53 3.48 -24.01
N GLY B 54 -15.87 2.38 -24.39
CA GLY B 54 -14.46 2.43 -24.68
C GLY B 54 -13.99 2.66 -26.11
N ARG B 55 -14.93 2.80 -27.05
CA ARG B 55 -14.55 3.01 -28.44
C ARG B 55 -13.60 4.17 -28.68
N PRO B 56 -13.84 5.33 -28.07
CA PRO B 56 -12.96 6.48 -28.25
C PRO B 56 -11.53 6.19 -27.81
N ASP B 57 -11.39 5.38 -26.77
CA ASP B 57 -10.09 5.05 -26.22
C ASP B 57 -9.26 4.10 -27.09
N ALA B 58 -9.88 3.02 -27.55
CA ALA B 58 -9.18 2.07 -28.41
C ALA B 58 -8.65 2.82 -29.62
N GLU B 59 -9.51 3.65 -30.20
CA GLU B 59 -9.17 4.43 -31.39
C GLU B 59 -8.03 5.42 -31.11
N TYR B 60 -8.13 6.15 -30.01
CA TYR B 60 -7.10 7.10 -29.65
C TYR B 60 -5.76 6.41 -29.36
N TRP B 61 -5.81 5.35 -28.56
CA TRP B 61 -4.58 4.65 -28.22
C TRP B 61 -3.94 3.96 -29.44
N ASN B 62 -4.76 3.42 -30.33
CA ASN B 62 -4.21 2.77 -31.52
C ASN B 62 -3.56 3.78 -32.48
N SER B 63 -3.76 5.07 -32.21
CA SER B 63 -3.17 6.09 -33.06
C SER B 63 -1.77 6.48 -32.58
N GLN B 64 -1.41 6.01 -31.40
CA GLN B 64 -0.09 6.30 -30.84
C GLN B 64 0.84 5.12 -31.06
N LYS B 65 1.70 5.23 -32.07
CA LYS B 65 2.63 4.15 -32.41
C LYS B 65 3.60 3.77 -31.30
N ASP B 66 4.10 4.75 -30.56
CA ASP B 66 5.03 4.45 -29.46
C ASP B 66 4.35 3.60 -28.40
N LEU B 67 3.08 3.89 -28.15
CA LEU B 67 2.31 3.13 -27.16
C LEU B 67 2.11 1.71 -27.67
N LEU B 68 1.70 1.61 -28.93
CA LEU B 68 1.46 0.31 -29.56
C LEU B 68 2.70 -0.57 -29.61
N GLU B 69 3.86 -0.01 -29.93
CA GLU B 69 5.05 -0.84 -29.97
C GLU B 69 5.53 -1.28 -28.58
N GLN B 70 5.32 -0.44 -27.57
CA GLN B 70 5.73 -0.77 -26.21
C GLN B 70 4.84 -1.94 -25.75
N ARG B 71 3.55 -1.80 -26.01
CA ARG B 71 2.58 -2.84 -25.66
C ARG B 71 2.88 -4.16 -26.35
N ARG B 72 3.29 -4.09 -27.62
CA ARG B 72 3.59 -5.31 -28.40
C ARG B 72 4.85 -6.03 -27.95
N ALA B 73 5.77 -5.31 -27.32
CA ALA B 73 6.99 -5.93 -26.85
C ALA B 73 6.94 -6.23 -25.34
N ALA B 74 5.92 -5.70 -24.68
CA ALA B 74 5.75 -5.86 -23.24
C ALA B 74 5.72 -7.32 -22.81
N VAL B 75 5.28 -8.19 -23.71
CA VAL B 75 5.22 -9.61 -23.38
C VAL B 75 6.64 -10.07 -22.97
N ASP B 76 7.66 -9.43 -23.53
CA ASP B 76 9.04 -9.76 -23.18
C ASP B 76 9.60 -8.86 -22.06
N THR B 77 9.59 -7.55 -22.27
CA THR B 77 10.14 -6.60 -21.29
C THR B 77 9.40 -6.51 -19.96
N TYR B 78 8.11 -6.83 -19.98
CA TYR B 78 7.27 -6.77 -18.79
C TYR B 78 6.98 -8.13 -18.22
N CYS B 79 6.24 -8.94 -18.99
CA CYS B 79 5.86 -10.28 -18.55
C CYS B 79 7.02 -11.24 -18.29
N ARG B 80 7.78 -11.57 -19.34
CA ARG B 80 8.90 -12.50 -19.14
C ARG B 80 9.89 -11.95 -18.13
N HIS B 81 10.09 -10.63 -18.11
CA HIS B 81 11.02 -10.07 -17.15
C HIS B 81 10.56 -10.30 -15.71
N ASN B 82 9.30 -9.95 -15.43
CA ASN B 82 8.77 -10.13 -14.07
C ASN B 82 8.74 -11.59 -13.66
N TYR B 83 8.50 -12.47 -14.62
CA TYR B 83 8.48 -13.90 -14.33
C TYR B 83 9.86 -14.32 -13.83
N GLY B 84 10.90 -13.86 -14.53
CA GLY B 84 12.25 -14.20 -14.14
C GLY B 84 12.59 -13.64 -12.77
N VAL B 85 12.03 -12.48 -12.47
CA VAL B 85 12.29 -11.84 -11.17
C VAL B 85 11.67 -12.61 -10.00
N GLY B 86 10.42 -13.03 -10.14
CA GLY B 86 9.77 -13.73 -9.04
C GLY B 86 9.73 -15.25 -9.06
N GLU B 87 10.18 -15.86 -10.15
CA GLU B 87 10.16 -17.30 -10.29
C GLU B 87 10.65 -18.13 -9.11
N SER B 88 11.82 -17.79 -8.57
CA SER B 88 12.38 -18.55 -7.46
C SER B 88 11.54 -18.62 -6.18
N PHE B 89 10.76 -17.58 -5.89
CA PHE B 89 9.96 -17.59 -4.67
C PHE B 89 8.44 -17.61 -4.88
N THR B 90 8.00 -17.83 -6.12
CA THR B 90 6.57 -17.90 -6.40
C THR B 90 6.27 -19.19 -7.17
N VAL B 91 6.78 -19.28 -8.39
CA VAL B 91 6.58 -20.46 -9.21
C VAL B 91 7.17 -21.69 -8.52
N GLN B 92 8.34 -21.49 -7.90
CA GLN B 92 9.04 -22.56 -7.23
C GLN B 92 8.81 -22.65 -5.73
N ARG B 93 7.84 -21.90 -5.22
CA ARG B 93 7.56 -21.92 -3.80
C ARG B 93 6.88 -23.23 -3.45
N ARG B 94 7.30 -23.84 -2.35
CA ARG B 94 6.72 -25.10 -1.93
C ARG B 94 6.65 -25.25 -0.42
N VAL B 95 5.47 -25.60 0.06
CA VAL B 95 5.23 -25.80 1.48
C VAL B 95 4.42 -27.09 1.61
N GLU B 96 4.99 -28.06 2.32
CA GLU B 96 4.35 -29.35 2.50
C GLU B 96 3.05 -29.29 3.28
N PRO B 97 2.03 -30.01 2.82
CA PRO B 97 0.74 -30.02 3.51
C PRO B 97 0.78 -30.83 4.80
N LYS B 98 0.01 -30.39 5.79
CA LYS B 98 -0.10 -31.11 7.05
C LYS B 98 -1.33 -31.98 6.79
N VAL B 99 -1.19 -33.29 7.03
CA VAL B 99 -2.29 -34.21 6.77
C VAL B 99 -2.70 -35.03 7.99
N THR B 100 -4.00 -35.06 8.27
CA THR B 100 -4.52 -35.82 9.39
C THR B 100 -5.87 -36.41 9.04
N VAL B 101 -6.17 -37.57 9.61
CA VAL B 101 -7.43 -38.27 9.36
C VAL B 101 -8.16 -38.56 10.67
N TYR B 102 -9.44 -38.21 10.70
CA TYR B 102 -10.28 -38.43 11.86
C TYR B 102 -11.73 -38.50 11.41
N PRO B 103 -12.59 -39.18 12.17
CA PRO B 103 -13.99 -39.26 11.74
C PRO B 103 -14.71 -37.93 11.93
N SER B 104 -15.70 -37.68 11.08
CA SER B 104 -16.46 -36.44 11.16
C SER B 104 -17.21 -36.34 12.48
N LYS B 105 -17.48 -35.10 12.89
CA LYS B 105 -18.19 -34.84 14.14
C LYS B 105 -19.68 -35.13 13.96
N THR B 106 -20.14 -35.03 12.72
CA THR B 106 -21.53 -35.27 12.39
C THR B 106 -21.95 -36.74 12.47
N GLN B 107 -21.61 -37.54 11.46
CA GLN B 107 -21.97 -38.95 11.44
C GLN B 107 -23.47 -39.14 11.48
N PRO B 108 -24.17 -38.81 10.38
CA PRO B 108 -25.62 -38.95 10.30
C PRO B 108 -26.14 -40.39 10.42
N LEU B 109 -26.28 -41.07 9.29
CA LEU B 109 -26.78 -42.44 9.26
C LEU B 109 -25.97 -43.44 10.10
N GLN B 110 -26.68 -44.12 11.00
CA GLN B 110 -26.11 -45.11 11.92
C GLN B 110 -24.87 -45.89 11.49
N HIS B 111 -25.07 -47.15 11.09
CA HIS B 111 -23.97 -48.02 10.67
C HIS B 111 -23.14 -47.47 9.52
N HIS B 112 -22.55 -46.30 9.75
CA HIS B 112 -21.73 -45.63 8.76
C HIS B 112 -20.69 -44.80 9.49
N ASN B 113 -19.56 -44.56 8.83
CA ASN B 113 -18.51 -43.76 9.43
C ASN B 113 -18.00 -42.78 8.40
N LEU B 114 -18.37 -41.51 8.56
CA LEU B 114 -17.93 -40.48 7.64
C LEU B 114 -16.51 -40.10 8.04
N LEU B 115 -15.55 -40.40 7.18
CA LEU B 115 -14.15 -40.07 7.46
C LEU B 115 -13.74 -38.74 6.86
N VAL B 116 -12.86 -38.03 7.56
CA VAL B 116 -12.37 -36.74 7.10
C VAL B 116 -10.86 -36.74 6.92
N CYS B 117 -10.40 -36.29 5.76
CA CYS B 117 -8.98 -36.17 5.50
C CYS B 117 -8.72 -34.67 5.38
N SER B 118 -8.08 -34.12 6.41
CA SER B 118 -7.75 -32.70 6.45
C SER B 118 -6.36 -32.46 5.89
N VAL B 119 -6.27 -31.62 4.86
CA VAL B 119 -4.99 -31.29 4.23
C VAL B 119 -4.84 -29.77 4.27
N SER B 120 -3.89 -29.28 5.06
CA SER B 120 -3.73 -27.83 5.19
C SER B 120 -2.32 -27.27 5.17
N GLY B 121 -2.25 -25.94 5.11
CA GLY B 121 -1.00 -25.21 5.10
C GLY B 121 -0.06 -25.42 3.93
N PHE B 122 -0.57 -25.94 2.81
CA PHE B 122 0.29 -26.20 1.66
C PHE B 122 0.33 -25.12 0.56
N TYR B 123 1.33 -25.26 -0.31
CA TYR B 123 1.53 -24.36 -1.44
C TYR B 123 2.46 -25.08 -2.42
N PRO B 124 2.18 -25.01 -3.74
CA PRO B 124 1.06 -24.31 -4.39
C PRO B 124 -0.30 -24.98 -4.17
N GLY B 125 -1.33 -24.39 -4.77
CA GLY B 125 -2.68 -24.91 -4.62
C GLY B 125 -2.94 -26.22 -5.33
N SER B 126 -2.19 -26.48 -6.39
CA SER B 126 -2.35 -27.72 -7.14
C SER B 126 -2.10 -28.92 -6.24
N ILE B 127 -3.10 -29.78 -6.07
CA ILE B 127 -2.95 -30.94 -5.21
C ILE B 127 -3.93 -32.06 -5.57
N GLU B 128 -3.56 -33.28 -5.20
CA GLU B 128 -4.40 -34.45 -5.46
C GLU B 128 -4.63 -35.24 -4.19
N VAL B 129 -5.90 -35.33 -3.78
CA VAL B 129 -6.27 -36.07 -2.58
C VAL B 129 -7.20 -37.21 -2.95
N ARG B 130 -6.77 -38.44 -2.64
CA ARG B 130 -7.57 -39.63 -2.97
C ARG B 130 -7.77 -40.56 -1.77
N TRP B 131 -8.86 -41.33 -1.81
CA TRP B 131 -9.18 -42.30 -0.76
C TRP B 131 -9.06 -43.72 -1.29
N PHE B 132 -8.63 -44.64 -0.43
CA PHE B 132 -8.49 -46.05 -0.80
C PHE B 132 -9.01 -46.96 0.30
N ARG B 133 -9.62 -48.07 -0.11
CA ARG B 133 -10.13 -49.05 0.84
C ARG B 133 -9.42 -50.35 0.52
N ASN B 134 -8.43 -50.69 1.35
CA ASN B 134 -7.65 -51.90 1.15
C ASN B 134 -6.83 -51.84 -0.14
N GLY B 135 -6.25 -50.68 -0.42
CA GLY B 135 -5.41 -50.53 -1.60
C GLY B 135 -6.12 -50.21 -2.91
N GLN B 136 -7.45 -50.22 -2.92
CA GLN B 136 -8.20 -49.90 -4.13
C GLN B 136 -8.93 -48.58 -3.96
N GLU B 137 -8.75 -47.69 -4.94
CA GLU B 137 -9.35 -46.37 -4.89
C GLU B 137 -10.86 -46.34 -4.78
N GLU B 138 -11.36 -45.37 -4.01
CA GLU B 138 -12.78 -45.18 -3.80
C GLU B 138 -13.26 -43.99 -4.61
N LYS B 139 -14.12 -44.23 -5.59
CA LYS B 139 -14.66 -43.15 -6.41
C LYS B 139 -15.93 -42.62 -5.76
N ALA B 140 -16.85 -43.52 -5.44
CA ALA B 140 -18.11 -43.15 -4.82
C ALA B 140 -17.95 -42.83 -3.34
N GLY B 141 -18.87 -42.03 -2.81
CA GLY B 141 -18.84 -41.67 -1.41
C GLY B 141 -17.86 -40.54 -1.08
N VAL B 142 -16.98 -40.24 -2.03
CA VAL B 142 -15.99 -39.18 -1.83
C VAL B 142 -16.61 -37.81 -2.09
N VAL B 143 -16.39 -36.90 -1.16
CA VAL B 143 -16.91 -35.54 -1.27
C VAL B 143 -15.88 -34.54 -0.73
N SER B 144 -15.67 -33.45 -1.47
CA SER B 144 -14.70 -32.45 -1.05
C SER B 144 -15.34 -31.09 -0.81
N THR B 145 -14.78 -30.37 0.16
CA THR B 145 -15.24 -29.05 0.54
C THR B 145 -14.68 -28.02 -0.45
N GLY B 146 -13.75 -28.46 -1.29
CA GLY B 146 -13.13 -27.57 -2.26
C GLY B 146 -11.77 -27.06 -1.82
N LEU B 147 -11.08 -26.38 -2.74
CA LEU B 147 -9.76 -25.83 -2.47
C LEU B 147 -9.92 -24.43 -1.90
N ILE B 148 -9.45 -24.20 -0.67
CA ILE B 148 -9.57 -22.91 -0.03
C ILE B 148 -8.25 -22.15 -0.02
N GLN B 149 -8.26 -20.95 -0.61
CA GLN B 149 -7.06 -20.10 -0.66
C GLN B 149 -7.13 -19.18 0.57
N ASN B 150 -6.17 -19.31 1.48
CA ASN B 150 -6.17 -18.52 2.71
C ASN B 150 -5.70 -17.06 2.63
N GLY B 151 -5.15 -16.68 1.48
CA GLY B 151 -4.70 -15.30 1.30
C GLY B 151 -3.31 -15.01 1.81
N ASP B 152 -2.72 -15.96 2.51
CA ASP B 152 -1.38 -15.80 3.06
C ASP B 152 -0.43 -16.76 2.37
N TRP B 153 -0.72 -17.08 1.10
CA TRP B 153 0.08 -18.01 0.30
C TRP B 153 0.01 -19.40 0.88
N THR B 154 -1.19 -19.78 1.33
CA THR B 154 -1.44 -21.08 1.90
C THR B 154 -2.82 -21.55 1.46
N PHE B 155 -2.99 -22.87 1.36
CA PHE B 155 -4.25 -23.47 0.98
C PHE B 155 -4.64 -24.57 1.97
N GLN B 156 -5.92 -24.93 1.94
CA GLN B 156 -6.43 -25.99 2.79
C GLN B 156 -7.63 -26.61 2.10
N THR B 157 -7.95 -27.83 2.48
CA THR B 157 -9.08 -28.52 1.92
C THR B 157 -9.44 -29.74 2.77
N LEU B 158 -10.71 -30.12 2.72
CA LEU B 158 -11.20 -31.27 3.46
C LEU B 158 -11.84 -32.23 2.46
N VAL B 159 -11.39 -33.48 2.46
CA VAL B 159 -11.94 -34.48 1.56
C VAL B 159 -12.52 -35.63 2.40
N MET B 160 -13.84 -35.73 2.42
CA MET B 160 -14.54 -36.76 3.17
C MET B 160 -14.79 -38.04 2.39
N LEU B 161 -15.06 -39.11 3.12
CA LEU B 161 -15.35 -40.42 2.54
C LEU B 161 -16.34 -41.16 3.43
N GLU B 162 -17.54 -41.45 2.90
CA GLU B 162 -18.52 -42.19 3.69
C GLU B 162 -18.16 -43.66 3.61
N THR B 163 -18.22 -44.35 4.75
CA THR B 163 -17.87 -45.75 4.78
C THR B 163 -18.79 -46.61 5.62
N VAL B 164 -18.83 -47.90 5.27
CA VAL B 164 -19.59 -48.90 6.00
C VAL B 164 -18.43 -49.71 6.54
N PRO B 165 -17.82 -49.22 7.64
CA PRO B 165 -16.68 -49.84 8.30
C PRO B 165 -16.83 -51.29 8.74
N ARG B 166 -15.78 -52.06 8.47
CA ARG B 166 -15.72 -53.47 8.84
C ARG B 166 -14.36 -53.69 9.49
N SER B 167 -14.36 -54.24 10.70
CA SER B 167 -13.12 -54.49 11.42
C SER B 167 -12.05 -55.05 10.50
N GLY B 168 -10.84 -54.53 10.62
CA GLY B 168 -9.74 -55.00 9.78
C GLY B 168 -9.47 -54.19 8.52
N GLU B 169 -10.45 -53.42 8.06
CA GLU B 169 -10.25 -52.62 6.86
C GLU B 169 -9.30 -51.45 7.08
N VAL B 170 -8.60 -51.08 6.02
CA VAL B 170 -7.65 -49.97 6.05
C VAL B 170 -8.03 -48.91 5.00
N TYR B 171 -8.47 -47.75 5.47
CA TYR B 171 -8.85 -46.66 4.58
C TYR B 171 -7.70 -45.66 4.53
N THR B 172 -7.09 -45.53 3.37
CA THR B 172 -5.95 -44.63 3.19
C THR B 172 -6.25 -43.34 2.43
N CYS B 173 -5.80 -42.22 3.00
CA CYS B 173 -5.96 -40.93 2.34
C CYS B 173 -4.59 -40.66 1.75
N GLN B 174 -4.52 -40.53 0.43
CA GLN B 174 -3.24 -40.29 -0.23
C GLN B 174 -3.19 -38.89 -0.82
N VAL B 175 -2.09 -38.21 -0.57
CA VAL B 175 -1.90 -36.85 -1.04
C VAL B 175 -0.66 -36.68 -1.90
N GLU B 176 -0.85 -36.20 -3.11
CA GLU B 176 0.24 -35.95 -4.03
C GLU B 176 0.31 -34.44 -4.21
N HIS B 177 1.50 -33.89 -3.99
CA HIS B 177 1.71 -32.45 -4.07
C HIS B 177 3.14 -32.19 -4.52
N PRO B 178 3.36 -31.09 -5.26
CA PRO B 178 4.70 -30.75 -5.75
C PRO B 178 5.78 -30.69 -4.67
N SER B 179 5.38 -30.45 -3.42
CA SER B 179 6.33 -30.34 -2.33
C SER B 179 6.96 -31.67 -1.91
N VAL B 180 6.42 -32.79 -2.39
CA VAL B 180 6.95 -34.10 -2.04
C VAL B 180 7.23 -34.99 -3.24
N THR B 181 8.31 -35.77 -3.14
CA THR B 181 8.73 -36.69 -4.19
C THR B 181 7.78 -37.88 -4.30
N SER B 182 7.30 -38.36 -3.17
CA SER B 182 6.38 -39.49 -3.15
C SER B 182 5.12 -39.12 -2.39
N PRO B 183 3.99 -39.76 -2.72
CA PRO B 183 2.73 -39.46 -2.04
C PRO B 183 2.74 -39.62 -0.53
N LEU B 184 1.99 -38.75 0.14
CA LEU B 184 1.85 -38.79 1.60
C LEU B 184 0.59 -39.60 1.87
N THR B 185 0.63 -40.46 2.88
CA THR B 185 -0.53 -41.28 3.22
C THR B 185 -0.81 -41.34 4.72
N VAL B 186 -2.09 -41.31 5.07
CA VAL B 186 -2.54 -41.40 6.45
C VAL B 186 -3.64 -42.45 6.44
N GLU B 187 -3.52 -43.45 7.31
CA GLU B 187 -4.50 -44.52 7.34
C GLU B 187 -5.47 -44.52 8.50
N TRP B 188 -6.70 -44.91 8.20
CA TRP B 188 -7.71 -45.05 9.23
C TRP B 188 -7.89 -46.56 9.38
N ARG B 189 -7.64 -47.07 10.58
CA ARG B 189 -7.79 -48.50 10.82
C ARG B 189 -9.17 -48.76 11.41
N ALA B 190 -10.01 -49.41 10.62
CA ALA B 190 -11.37 -49.73 11.06
C ALA B 190 -11.38 -51.02 11.86
C ACE C 1 12.23 -5.98 -10.53
O ACE C 1 12.33 -5.82 -11.76
CH3 ACE C 1 13.49 -6.06 -9.68
N PHE C 2 11.05 -6.13 -9.93
CA PHE C 2 9.84 -6.05 -10.73
C PHE C 2 9.70 -4.68 -11.38
N VAL C 3 9.06 -4.65 -12.55
CA VAL C 3 8.84 -3.41 -13.27
C VAL C 3 7.36 -3.33 -13.59
N LYS C 4 6.82 -2.11 -13.64
CA LYS C 4 5.42 -1.92 -13.92
C LYS C 4 5.17 -1.50 -15.37
N GLN C 5 3.91 -1.64 -15.79
CA GLN C 5 3.50 -1.18 -17.10
C GLN C 5 2.98 0.22 -16.75
N ASN C 6 3.35 1.23 -17.54
CA ASN C 6 2.89 2.59 -17.28
C ASN C 6 1.43 2.70 -17.70
N ALA C 7 0.65 3.47 -16.95
CA ALA C 7 -0.76 3.66 -17.26
C ALA C 7 -0.94 4.56 -18.48
N MAA C 8 -1.77 4.18 -19.45
CM MAA C 8 -2.52 3.06 -19.30
CA MAA C 8 -1.97 5.05 -20.61
CB MAA C 8 -2.35 4.25 -21.86
C MAA C 8 -3.06 6.08 -20.31
O MAA C 8 -4.13 5.75 -19.81
N ALA C 9 -2.77 7.34 -20.62
CA ALA C 9 -3.71 8.42 -20.40
C ALA C 9 -4.78 8.43 -21.48
N LEU C 10 -6.04 8.68 -21.09
CA LEU C 10 -7.18 8.74 -22.00
C LEU C 10 -7.29 10.16 -22.56
N GLU D 1 6.18 14.18 26.75
CA GLU D 1 7.59 14.65 26.91
C GLU D 1 8.18 15.03 25.56
N SER D 2 9.32 15.70 25.57
CA SER D 2 9.98 16.10 24.32
C SER D 2 10.89 15.01 23.79
N GLN D 3 11.13 15.05 22.48
CA GLN D 3 11.98 14.08 21.81
C GLN D 3 13.41 14.10 22.36
N PRO D 4 13.97 12.92 22.65
CA PRO D 4 15.34 12.83 23.19
C PRO D 4 16.36 13.32 22.17
N ASP D 5 17.36 14.06 22.63
CA ASP D 5 18.38 14.55 21.71
C ASP D 5 19.09 13.37 21.07
N PRO D 6 19.65 13.57 19.87
CA PRO D 6 20.35 12.51 19.17
C PRO D 6 21.74 12.18 19.69
N MET D 7 22.11 10.91 19.58
CA MET D 7 23.42 10.44 19.96
C MET D 7 24.14 10.29 18.64
N PRO D 8 25.48 10.32 18.63
CA PRO D 8 26.24 10.18 17.38
C PRO D 8 25.73 9.09 16.45
N ASP D 9 25.34 7.95 17.02
CA ASP D 9 24.83 6.83 16.22
C ASP D 9 23.45 7.11 15.63
N ASP D 10 22.74 8.07 16.20
CA ASP D 10 21.39 8.43 15.73
C ASP D 10 21.40 9.37 14.52
N LEU D 11 22.58 9.91 14.19
CA LEU D 11 22.69 10.86 13.09
C LEU D 11 23.30 10.31 11.80
N HIS D 12 22.79 10.80 10.66
CA HIS D 12 23.30 10.40 9.36
C HIS D 12 24.69 11.00 9.21
N LYS D 13 25.59 10.26 8.57
CA LYS D 13 26.95 10.73 8.35
C LYS D 13 27.11 11.07 6.87
N SER D 14 27.63 12.25 6.57
CA SER D 14 27.80 12.63 5.18
C SER D 14 28.80 11.71 4.50
N SER D 15 29.74 11.17 5.28
CA SER D 15 30.74 10.28 4.72
C SER D 15 30.13 8.94 4.27
N GLU D 16 28.92 8.66 4.72
CA GLU D 16 28.24 7.43 4.35
C GLU D 16 27.26 7.66 3.20
N PHE D 17 27.26 8.88 2.68
CA PHE D 17 26.40 9.25 1.57
C PHE D 17 27.32 9.46 0.37
N THR D 18 27.15 8.65 -0.66
CA THR D 18 27.99 8.74 -1.84
C THR D 18 27.29 9.37 -3.04
N GLY D 19 26.10 9.92 -2.81
CA GLY D 19 25.38 10.57 -3.89
C GLY D 19 25.91 11.98 -4.07
N THR D 20 25.11 12.83 -4.70
CA THR D 20 25.51 14.22 -4.93
C THR D 20 24.83 15.12 -3.90
N MET D 21 25.61 15.69 -2.99
CA MET D 21 25.06 16.55 -1.95
C MET D 21 24.34 17.76 -2.55
N GLY D 22 24.66 18.08 -3.80
CA GLY D 22 24.02 19.21 -4.47
C GLY D 22 22.49 19.05 -4.50
N ASN D 23 22.04 17.80 -4.45
CA ASN D 23 20.61 17.52 -4.47
C ASN D 23 19.95 17.85 -3.12
N MET D 24 20.74 17.91 -2.05
CA MET D 24 20.23 18.28 -0.74
C MET D 24 20.31 19.81 -0.70
N LYS D 25 21.44 20.35 -1.16
CA LYS D 25 21.64 21.80 -1.23
C LYS D 25 20.49 22.47 -1.97
N TYR D 26 20.07 21.83 -3.05
CA TYR D 26 18.98 22.32 -3.91
C TYR D 26 17.70 22.63 -3.14
N LEU D 27 17.39 21.81 -2.14
CA LEU D 27 16.17 22.00 -1.37
C LEU D 27 16.15 23.18 -0.41
N TYR D 28 17.32 23.74 -0.13
CA TYR D 28 17.38 24.85 0.82
C TYR D 28 18.07 26.13 0.33
N ASP D 29 18.71 26.05 -0.82
CA ASP D 29 19.41 27.19 -1.40
C ASP D 29 18.44 28.09 -2.18
N ASP D 30 17.94 29.13 -1.51
CA ASP D 30 17.00 30.07 -2.12
C ASP D 30 15.96 29.28 -2.91
N HIS D 31 15.32 28.36 -2.20
CA HIS D 31 14.34 27.47 -2.79
C HIS D 31 13.17 27.31 -1.81
N TYR D 32 11.98 27.71 -2.23
CA TYR D 32 10.80 27.57 -1.38
C TYR D 32 9.54 28.06 -2.07
N VAL D 33 8.41 27.50 -1.66
CA VAL D 33 7.12 27.92 -2.17
C VAL D 33 6.61 28.86 -1.09
N SER D 34 5.98 29.95 -1.49
CA SER D 34 5.44 30.91 -0.53
C SER D 34 4.20 31.59 -1.09
N ALA D 35 3.10 31.50 -0.37
CA ALA D 35 1.86 32.13 -0.80
C ALA D 35 1.19 32.72 0.43
N THR D 36 0.46 33.82 0.23
CA THR D 36 -0.23 34.48 1.32
C THR D 36 -1.72 34.62 1.03
N LYS D 37 -2.53 34.19 1.99
CA LYS D 37 -3.99 34.28 1.88
C LYS D 37 -4.57 33.53 0.67
N VAL D 38 -4.48 32.21 0.71
CA VAL D 38 -5.01 31.36 -0.35
C VAL D 38 -5.84 30.26 0.29
N LYS D 39 -6.65 29.57 -0.51
CA LYS D 39 -7.47 28.47 -0.02
C LYS D 39 -7.30 27.32 -1.00
N SER D 40 -7.33 26.09 -0.49
CA SER D 40 -7.15 24.91 -1.33
C SER D 40 -8.28 24.81 -2.36
N VAL D 41 -7.96 24.31 -3.55
CA VAL D 41 -8.95 24.18 -4.61
C VAL D 41 -9.13 22.73 -5.04
N ASP D 42 -8.34 21.83 -4.47
CA ASP D 42 -8.43 20.42 -4.86
C ASP D 42 -7.66 19.57 -3.86
N SER D 43 -7.69 18.26 -4.07
CA SER D 43 -7.01 17.31 -3.20
C SER D 43 -6.85 16.04 -4.02
N PHE D 44 -5.68 15.42 -3.96
CA PHE D 44 -5.45 14.19 -4.71
C PHE D 44 -5.86 13.02 -3.82
N PHE D 45 -5.18 12.88 -2.68
CA PHE D 45 -5.50 11.87 -1.68
C PHE D 45 -6.06 12.65 -0.49
N LYS D 46 -6.77 11.98 0.41
CA LYS D 46 -7.39 12.69 1.52
C LYS D 46 -6.48 13.37 2.54
N TRP D 47 -5.19 13.08 2.51
CA TRP D 47 -4.27 13.71 3.45
C TRP D 47 -3.51 14.86 2.80
N ASP D 48 -3.92 15.26 1.60
CA ASP D 48 -3.24 16.37 0.94
C ASP D 48 -4.19 17.45 0.43
N LEU D 49 -3.62 18.61 0.14
CA LEU D 49 -4.38 19.75 -0.36
C LEU D 49 -3.59 20.35 -1.51
N ILE D 50 -4.31 20.80 -2.53
CA ILE D 50 -3.71 21.40 -3.71
C ILE D 50 -4.11 22.87 -3.79
N TYR D 51 -3.13 23.72 -4.09
CA TYR D 51 -3.35 25.16 -4.18
C TYR D 51 -2.91 25.71 -5.52
N ASN D 52 -3.51 26.82 -5.92
CA ASN D 52 -3.11 27.49 -7.14
C ASN D 52 -2.11 28.52 -6.66
N ILE D 53 -0.84 28.22 -6.87
CA ILE D 53 0.25 29.10 -6.46
C ILE D 53 1.21 29.12 -7.64
N SER D 54 1.51 30.31 -8.15
CA SER D 54 2.39 30.43 -9.29
C SER D 54 3.84 30.69 -8.92
N ASP D 55 4.73 30.26 -9.80
CA ASP D 55 6.15 30.43 -9.62
C ASP D 55 6.58 31.78 -10.19
N LYS D 56 6.37 32.85 -9.43
CA LYS D 56 6.74 34.19 -9.88
C LYS D 56 8.19 34.19 -10.37
N LYS D 57 9.03 33.40 -9.70
CA LYS D 57 10.44 33.30 -10.05
C LYS D 57 10.68 32.91 -11.51
N LEU D 58 10.63 31.62 -11.80
CA LEU D 58 10.87 31.12 -13.15
C LEU D 58 9.69 30.41 -13.82
N LYS D 59 8.47 30.71 -13.37
CA LYS D 59 7.29 30.09 -13.96
C LYS D 59 7.42 28.58 -14.11
N ASN D 60 7.86 27.90 -13.06
CA ASN D 60 8.02 26.44 -13.11
C ASN D 60 6.78 25.68 -12.67
N TYR D 61 5.79 26.38 -12.13
CA TYR D 61 4.56 25.75 -11.67
C TYR D 61 3.48 26.76 -11.33
N ASP D 62 2.23 26.31 -11.34
CA ASP D 62 1.10 27.17 -10.98
C ASP D 62 0.13 26.37 -10.11
N LYS D 63 0.52 25.13 -9.83
CA LYS D 63 -0.25 24.21 -8.97
C LYS D 63 0.72 23.61 -7.96
N VAL D 64 0.35 23.64 -6.69
CA VAL D 64 1.20 23.09 -5.64
C VAL D 64 0.41 22.12 -4.76
N LYS D 65 0.93 20.92 -4.58
CA LYS D 65 0.28 19.96 -3.69
C LYS D 65 1.13 19.77 -2.45
N THR D 66 0.52 19.87 -1.28
CA THR D 66 1.25 19.64 -0.06
C THR D 66 0.59 18.47 0.67
N GLU D 67 1.39 17.49 1.08
CA GLU D 67 0.86 16.33 1.78
C GLU D 67 1.02 16.52 3.28
N LEU D 68 0.00 16.11 4.02
CA LEU D 68 0.00 16.23 5.48
C LEU D 68 0.05 14.84 6.11
N LEU D 69 0.33 14.79 7.40
CA LEU D 69 0.45 13.54 8.14
C LEU D 69 -0.78 12.64 8.13
N ASN D 70 -1.96 13.24 8.01
CA ASN D 70 -3.18 12.45 8.02
C ASN D 70 -4.36 13.24 7.47
N GLU D 71 -5.49 12.55 7.33
CA GLU D 71 -6.71 13.18 6.80
C GLU D 71 -7.26 14.28 7.69
N ASP D 72 -7.12 14.15 9.00
CA ASP D 72 -7.65 15.18 9.90
C ASP D 72 -6.97 16.52 9.64
N LEU D 73 -5.66 16.52 9.45
CA LEU D 73 -4.92 17.75 9.17
C LEU D 73 -5.42 18.39 7.88
N ALA D 74 -5.68 17.55 6.87
CA ALA D 74 -6.17 18.04 5.59
C ALA D 74 -7.57 18.63 5.77
N LYS D 75 -8.41 17.93 6.52
CA LYS D 75 -9.77 18.42 6.77
C LYS D 75 -9.72 19.76 7.47
N LYS D 76 -8.79 19.86 8.41
CA LYS D 76 -8.61 21.09 9.18
C LYS D 76 -8.40 22.33 8.32
N TYR D 77 -7.45 22.27 7.40
CA TYR D 77 -7.15 23.43 6.55
C TYR D 77 -7.81 23.48 5.19
N LYS D 78 -8.58 22.47 4.84
CA LYS D 78 -9.23 22.44 3.54
C LYS D 78 -9.93 23.72 3.12
N ASP D 79 -10.85 24.21 3.93
CA ASP D 79 -11.57 25.43 3.55
C ASP D 79 -11.10 26.69 4.27
N GLU D 80 -9.89 26.66 4.80
CA GLU D 80 -9.34 27.80 5.51
C GLU D 80 -8.55 28.73 4.60
N VAL D 81 -8.53 30.01 4.94
CA VAL D 81 -7.71 30.96 4.19
C VAL D 81 -6.39 30.82 4.92
N VAL D 82 -5.36 30.40 4.19
CA VAL D 82 -4.08 30.18 4.83
C VAL D 82 -2.91 30.80 4.09
N ASP D 83 -1.72 30.61 4.68
CA ASP D 83 -0.47 31.05 4.10
C ASP D 83 0.32 29.76 3.92
N VAL D 84 1.18 29.72 2.91
CA VAL D 84 1.97 28.52 2.65
C VAL D 84 3.44 28.84 2.55
N TYR D 85 4.27 28.00 3.15
CA TYR D 85 5.72 28.18 3.09
C TYR D 85 6.37 26.83 3.27
N GLY D 86 7.15 26.40 2.28
CA GLY D 86 7.81 25.10 2.38
C GLY D 86 8.79 24.86 1.27
N SER D 87 9.53 23.76 1.37
CA SER D 87 10.52 23.38 0.38
C SER D 87 9.86 22.38 -0.58
N ASN D 88 9.85 22.71 -1.86
CA ASN D 88 9.20 21.84 -2.85
C ASN D 88 10.14 20.94 -3.64
N TYR D 89 9.55 19.90 -4.24
CA TYR D 89 10.32 18.96 -5.05
C TYR D 89 9.55 18.65 -6.33
N TYR D 90 10.25 18.11 -7.33
CA TYR D 90 9.64 17.77 -8.61
C TYR D 90 9.80 16.31 -8.93
N VAL D 91 10.95 15.74 -8.55
CA VAL D 91 11.22 14.33 -8.79
C VAL D 91 10.24 13.50 -7.96
N ASN D 92 9.45 12.70 -8.64
CA ASN D 92 8.43 11.87 -8.01
C ASN D 92 7.29 12.70 -7.41
N CYS D 93 7.01 13.85 -8.04
CA CYS D 93 5.90 14.70 -7.61
C CYS D 93 4.75 14.29 -8.53
N TYR D 94 3.69 13.73 -7.96
CA TYR D 94 2.55 13.29 -8.78
C TYR D 94 1.18 13.64 -8.23
N PHE D 95 0.30 14.05 -9.13
CA PHE D 95 -1.09 14.35 -8.81
C PHE D 95 -1.82 14.79 -10.06
N SER D 96 -3.09 14.40 -10.12
CA SER D 96 -3.97 14.68 -11.25
C SER D 96 -4.44 16.14 -11.28
N GLY D 106 0.02 24.38 -17.19
CA GLY D 106 0.67 24.85 -15.98
C GLY D 106 1.47 23.77 -15.27
N GLY D 107 2.66 24.13 -14.80
CA GLY D 107 3.51 23.17 -14.11
C GLY D 107 2.99 22.79 -12.73
N LYS D 108 3.54 21.72 -12.19
CA LYS D 108 3.15 21.22 -10.87
C LYS D 108 4.38 21.02 -10.00
N THR D 109 4.21 21.17 -8.69
CA THR D 109 5.29 20.95 -7.76
C THR D 109 4.66 20.42 -6.49
N CYS D 110 5.44 19.72 -5.67
CA CYS D 110 4.91 19.13 -4.45
C CYS D 110 5.69 19.54 -3.19
N MET D 111 5.09 19.27 -2.03
CA MET D 111 5.73 19.58 -0.76
C MET D 111 4.97 18.90 0.39
N TYR D 112 5.41 19.15 1.63
CA TYR D 112 4.76 18.58 2.79
C TYR D 112 4.52 19.69 3.81
N GLY D 113 3.43 19.57 4.57
CA GLY D 113 3.09 20.55 5.59
C GLY D 113 3.17 21.99 5.10
N GLY D 114 3.74 22.86 5.93
CA GLY D 114 3.89 24.26 5.57
C GLY D 114 2.64 25.13 5.60
N ILE D 115 1.58 24.67 6.25
CA ILE D 115 0.32 25.43 6.30
C ILE D 115 0.03 26.10 7.65
N THR D 116 -0.39 27.36 7.61
CA THR D 116 -0.76 28.09 8.81
C THR D 116 -1.94 28.99 8.49
N LYS D 117 -2.88 29.09 9.42
CA LYS D 117 -4.05 29.94 9.23
C LYS D 117 -3.55 31.37 9.03
N HIS D 118 -4.18 32.10 8.12
CA HIS D 118 -3.78 33.47 7.82
C HIS D 118 -4.38 34.47 8.79
N GLU D 119 -5.67 34.30 9.08
CA GLU D 119 -6.43 35.17 9.97
C GLU D 119 -5.74 35.47 11.29
N GLY D 120 -5.34 36.73 11.48
CA GLY D 120 -4.70 37.14 12.71
C GLY D 120 -3.43 36.42 13.10
N ASN D 121 -2.58 36.13 12.12
CA ASN D 121 -1.33 35.44 12.39
C ASN D 121 -0.19 36.33 11.93
N HIS D 122 -0.51 37.56 11.55
CA HIS D 122 0.49 38.49 11.06
C HIS D 122 0.72 39.71 11.96
N PHE D 123 1.73 40.49 11.60
CA PHE D 123 2.08 41.69 12.33
C PHE D 123 1.70 42.88 11.47
N ASP D 124 1.03 43.86 12.06
CA ASP D 124 0.60 45.04 11.33
C ASP D 124 1.81 45.84 10.81
N ASN D 125 1.67 46.35 9.59
CA ASN D 125 2.72 47.14 8.95
C ASN D 125 4.00 46.36 8.66
N GLY D 126 3.92 45.45 7.69
CA GLY D 126 5.06 44.64 7.30
C GLY D 126 6.15 44.38 8.32
N ASN D 127 5.76 44.18 9.58
CA ASN D 127 6.74 43.91 10.64
C ASN D 127 7.09 42.42 10.65
N LEU D 128 8.37 42.12 10.83
CA LEU D 128 8.81 40.74 10.87
C LEU D 128 9.37 40.39 12.24
N GLN D 129 9.17 39.14 12.65
CA GLN D 129 9.64 38.64 13.93
C GLN D 129 10.98 37.95 13.77
N ASN D 130 11.96 38.33 14.59
CA ASN D 130 13.28 37.71 14.54
C ASN D 130 13.33 36.47 15.39
N VAL D 131 14.05 35.46 14.92
CA VAL D 131 14.18 34.22 15.66
C VAL D 131 15.65 33.88 15.77
N LEU D 132 16.09 33.66 17.01
CA LEU D 132 17.48 33.36 17.30
C LEU D 132 17.94 31.97 16.86
N VAL D 133 19.09 31.93 16.21
CA VAL D 133 19.68 30.67 15.78
C VAL D 133 21.13 30.67 16.23
N ARG D 134 21.48 29.72 17.10
CA ARG D 134 22.86 29.60 17.55
C ARG D 134 23.45 28.37 16.92
N VAL D 135 24.60 28.55 16.28
CA VAL D 135 25.27 27.46 15.60
C VAL D 135 26.44 26.90 16.41
N TYR D 136 26.45 25.58 16.56
CA TYR D 136 27.51 24.89 17.29
C TYR D 136 28.28 23.97 16.35
N GLU D 137 29.60 24.08 16.39
CA GLU D 137 30.46 23.24 15.58
C GLU D 137 31.35 22.49 16.57
N ASN D 138 31.18 21.18 16.61
CA ASN D 138 31.94 20.35 17.53
C ASN D 138 31.71 20.78 18.98
N LYS D 139 30.43 21.00 19.30
CA LYS D 139 29.99 21.40 20.63
C LYS D 139 30.26 22.83 21.12
N ARG D 140 30.84 23.66 20.26
CA ARG D 140 31.12 25.05 20.64
C ARG D 140 30.39 26.05 19.74
N ASN D 141 29.75 27.03 20.36
CA ASN D 141 29.02 28.06 19.64
C ASN D 141 30.04 28.84 18.80
N THR D 142 29.85 28.84 17.47
CA THR D 142 30.76 29.53 16.57
C THR D 142 30.17 30.83 16.05
N ILE D 143 28.92 30.76 15.61
CA ILE D 143 28.23 31.95 15.12
C ILE D 143 26.78 31.91 15.57
N SER D 144 26.18 33.09 15.69
CA SER D 144 24.79 33.21 16.07
C SER D 144 24.19 34.26 15.16
N PHE D 145 22.91 34.09 14.84
CA PHE D 145 22.21 35.03 13.98
C PHE D 145 20.72 34.87 14.16
N GLU D 146 19.95 35.55 13.32
CA GLU D 146 18.51 35.46 13.40
C GLU D 146 17.89 35.30 12.02
N VAL D 147 16.76 34.60 11.96
CA VAL D 147 16.04 34.44 10.71
C VAL D 147 14.74 35.21 10.99
N GLN D 148 13.98 35.54 9.95
CA GLN D 148 12.74 36.29 10.17
C GLN D 148 11.52 35.62 9.54
N THR D 149 10.36 35.93 10.11
CA THR D 149 9.10 35.42 9.61
C THR D 149 8.04 36.49 9.80
N ASP D 150 7.01 36.44 8.95
CA ASP D 150 5.92 37.39 8.99
C ASP D 150 4.76 36.78 9.79
N LYS D 151 5.03 35.66 10.44
CA LYS D 151 3.99 34.95 11.18
C LYS D 151 4.25 34.83 12.68
N LYS D 152 3.17 34.91 13.46
CA LYS D 152 3.24 34.78 14.91
C LYS D 152 3.44 33.29 15.20
N SER D 153 2.63 32.47 14.54
CA SER D 153 2.71 31.02 14.68
C SER D 153 3.24 30.57 13.31
N VAL D 154 4.49 30.12 13.30
CA VAL D 154 5.17 29.70 12.07
C VAL D 154 5.53 28.22 12.06
N THR D 155 5.62 27.62 10.88
CA THR D 155 5.99 26.21 10.81
C THR D 155 7.48 26.09 11.08
N ALA D 156 7.86 25.00 11.73
CA ALA D 156 9.27 24.75 12.01
C ALA D 156 9.98 24.62 10.66
N GLN D 157 9.27 24.10 9.67
CA GLN D 157 9.82 23.94 8.33
C GLN D 157 10.29 25.28 7.76
N GLU D 158 9.44 26.30 7.85
CA GLU D 158 9.82 27.62 7.34
C GLU D 158 11.09 28.15 8.00
N LEU D 159 11.16 28.03 9.33
CA LEU D 159 12.33 28.49 10.06
C LEU D 159 13.57 27.65 9.71
N ASP D 160 13.36 26.35 9.57
CA ASP D 160 14.43 25.44 9.24
C ASP D 160 15.04 25.85 7.89
N ILE D 161 14.17 26.03 6.90
CA ILE D 161 14.62 26.41 5.56
C ILE D 161 15.45 27.68 5.57
N LYS D 162 14.96 28.70 6.28
CA LYS D 162 15.67 29.97 6.35
C LYS D 162 17.03 29.85 7.01
N ALA D 163 17.11 29.02 8.05
CA ALA D 163 18.37 28.81 8.74
C ALA D 163 19.37 28.12 7.81
N ARG D 164 18.94 27.09 7.09
CA ARG D 164 19.85 26.37 6.19
C ARG D 164 20.27 27.22 5.00
N ASN D 165 19.34 28.03 4.50
CA ASN D 165 19.68 28.90 3.37
C ASN D 165 20.83 29.80 3.80
N PHE D 166 20.73 30.38 5.00
CA PHE D 166 21.78 31.24 5.52
C PHE D 166 23.10 30.48 5.68
N LEU D 167 23.03 29.28 6.26
CA LEU D 167 24.23 28.48 6.48
C LEU D 167 24.89 27.96 5.22
N ILE D 168 24.12 27.85 4.14
CA ILE D 168 24.66 27.38 2.87
C ILE D 168 25.55 28.49 2.32
N ASN D 169 25.07 29.72 2.40
CA ASN D 169 25.83 30.86 1.90
C ASN D 169 27.00 31.30 2.79
N LYS D 170 26.84 31.18 4.11
CA LYS D 170 27.91 31.62 4.99
C LYS D 170 28.83 30.55 5.55
N LYS D 171 28.41 29.29 5.49
CA LYS D 171 29.24 28.20 6.02
C LYS D 171 29.32 27.00 5.09
N ASN D 172 28.83 27.16 3.87
CA ASN D 172 28.84 26.07 2.89
C ASN D 172 28.32 24.80 3.52
N LEU D 173 27.19 24.91 4.21
CA LEU D 173 26.57 23.77 4.87
C LEU D 173 26.50 22.59 3.89
N TYR D 174 26.09 22.87 2.66
CA TYR D 174 26.02 21.85 1.62
C TYR D 174 26.75 22.35 0.38
N GLU D 175 27.49 21.46 -0.27
CA GLU D 175 28.21 21.82 -1.50
C GLU D 175 27.76 20.84 -2.59
N PHE D 176 28.23 21.02 -3.82
CA PHE D 176 27.83 20.14 -4.92
C PHE D 176 28.00 18.68 -4.54
N ASN D 177 29.22 18.32 -4.13
CA ASN D 177 29.46 16.95 -3.71
C ASN D 177 29.94 16.98 -2.26
N SER D 178 29.13 16.37 -1.39
CA SER D 178 29.40 16.29 0.03
C SER D 178 29.37 17.64 0.77
N SER D 179 29.65 17.57 2.08
CA SER D 179 29.62 18.74 2.95
C SER D 179 30.86 18.84 3.84
N PRO D 180 31.18 20.04 4.33
CA PRO D 180 32.34 20.24 5.21
C PRO D 180 32.07 19.55 6.54
N TYR D 181 30.80 19.25 6.80
CA TYR D 181 30.39 18.61 8.04
C TYR D 181 30.03 17.15 7.91
N GLU D 182 30.31 16.38 8.97
CA GLU D 182 30.02 14.96 9.01
C GLU D 182 28.59 14.69 9.46
N THR D 183 28.14 15.40 10.49
CA THR D 183 26.78 15.24 11.00
C THR D 183 26.21 16.61 11.30
N GLY D 184 24.90 16.67 11.46
CA GLY D 184 24.26 17.93 11.77
C GLY D 184 22.78 17.76 12.00
N TYR D 185 22.29 18.45 13.04
CA TYR D 185 20.88 18.40 13.34
C TYR D 185 20.47 19.79 13.79
N ILE D 186 19.22 20.14 13.51
CA ILE D 186 18.70 21.43 13.90
C ILE D 186 17.66 21.15 14.98
N LYS D 187 17.83 21.80 16.12
CA LYS D 187 16.95 21.61 17.26
C LYS D 187 16.09 22.83 17.56
N PHE D 188 14.81 22.59 17.83
CA PHE D 188 13.91 23.67 18.17
C PHE D 188 13.56 23.57 19.65
N ILE D 189 13.65 24.70 20.35
CA ILE D 189 13.34 24.76 21.77
C ILE D 189 12.14 25.68 21.99
N GLU D 190 11.02 25.11 22.42
CA GLU D 190 9.81 25.89 22.66
C GLU D 190 9.81 26.42 24.10
N ASN D 191 9.20 27.58 24.29
CA ASN D 191 9.16 28.21 25.61
C ASN D 191 8.46 27.40 26.69
N ASN D 192 7.75 26.36 26.29
CA ASN D 192 7.06 25.51 27.26
C ASN D 192 7.98 24.34 27.62
N GLY D 193 9.22 24.40 27.15
CA GLY D 193 10.17 23.34 27.44
C GLY D 193 10.24 22.21 26.43
N ASN D 194 9.26 22.11 25.55
CA ASN D 194 9.26 21.04 24.55
C ASN D 194 10.34 21.27 23.49
N THR D 195 11.07 20.20 23.14
CA THR D 195 12.12 20.28 22.13
C THR D 195 11.99 19.14 21.11
N PHE D 196 12.50 19.38 19.90
CA PHE D 196 12.49 18.38 18.84
C PHE D 196 13.58 18.77 17.82
N TRP D 197 14.02 17.82 17.02
CA TRP D 197 15.08 18.09 16.05
C TRP D 197 14.94 17.31 14.74
N TYR D 198 15.64 17.79 13.71
CA TYR D 198 15.64 17.16 12.39
C TYR D 198 17.08 16.90 11.99
N ASP D 199 17.33 15.74 11.38
CA ASP D 199 18.67 15.39 10.92
C ASP D 199 18.83 16.19 9.64
N MET D 200 19.95 16.90 9.53
CA MET D 200 20.22 17.73 8.36
C MET D 200 20.98 17.02 7.24
N MET D 201 21.41 15.78 7.47
CA MET D 201 22.17 15.03 6.47
C MET D 201 21.32 13.97 5.78
N PRO D 202 21.64 13.67 4.51
CA PRO D 202 20.90 12.64 3.76
C PRO D 202 21.18 11.25 4.30
N ALA D 203 20.24 10.32 4.10
CA ALA D 203 20.42 8.96 4.55
C ALA D 203 21.59 8.34 3.79
N PRO D 204 22.19 7.29 4.36
CA PRO D 204 23.33 6.63 3.70
C PRO D 204 22.95 5.99 2.36
N GLY D 205 23.94 5.84 1.48
CA GLY D 205 23.69 5.26 0.18
C GLY D 205 24.24 6.14 -0.92
N ASP D 206 23.91 5.83 -2.17
CA ASP D 206 24.39 6.61 -3.30
C ASP D 206 23.32 7.47 -3.97
N LYS D 207 22.14 7.54 -3.36
CA LYS D 207 21.05 8.33 -3.91
C LYS D 207 20.28 9.07 -2.82
N PHE D 208 19.88 10.29 -3.10
CA PHE D 208 19.11 11.08 -2.15
C PHE D 208 17.67 11.21 -2.61
N ASP D 209 16.74 10.67 -1.82
CA ASP D 209 15.32 10.72 -2.13
C ASP D 209 14.78 12.01 -1.50
N GLN D 210 14.73 13.09 -2.28
CA GLN D 210 14.26 14.38 -1.78
C GLN D 210 12.86 14.29 -1.17
N SER D 211 11.95 13.63 -1.88
CA SER D 211 10.58 13.48 -1.42
C SER D 211 10.51 12.81 -0.06
N LYS D 212 11.24 11.71 0.08
CA LYS D 212 11.23 10.97 1.34
C LYS D 212 11.80 11.81 2.48
N TYR D 213 12.87 12.56 2.19
CA TYR D 213 13.49 13.39 3.19
C TYR D 213 12.54 14.49 3.68
N LEU D 214 11.90 15.18 2.74
CA LEU D 214 10.98 16.27 3.06
C LEU D 214 9.70 15.81 3.75
N MET D 215 9.39 14.51 3.64
CA MET D 215 8.19 13.99 4.26
C MET D 215 8.14 14.27 5.76
N MET D 216 9.30 14.46 6.38
CA MET D 216 9.35 14.74 7.82
C MET D 216 8.56 16.00 8.19
N TYR D 217 8.42 16.93 7.24
CA TYR D 217 7.68 18.18 7.47
C TYR D 217 6.18 17.90 7.46
N ASN D 218 5.87 16.61 7.36
CA ASN D 218 4.54 16.04 7.35
C ASN D 218 3.59 16.55 8.43
N ASP D 219 4.08 16.55 9.66
CA ASP D 219 3.30 16.95 10.82
C ASP D 219 2.81 18.40 10.83
N ASN D 220 3.32 19.22 9.92
CA ASN D 220 2.91 20.62 9.86
C ASN D 220 3.13 21.27 11.22
N LYS D 221 4.22 20.87 11.89
CA LYS D 221 4.59 21.39 13.21
C LYS D 221 4.78 22.91 13.20
N THR D 222 4.08 23.59 14.11
CA THR D 222 4.22 25.04 14.21
C THR D 222 4.76 25.41 15.59
N VAL D 223 5.39 26.57 15.67
CA VAL D 223 5.95 27.08 16.92
C VAL D 223 5.68 28.57 17.02
N ASP D 224 5.80 29.11 18.23
CA ASP D 224 5.59 30.52 18.49
C ASP D 224 6.87 31.26 18.15
N SER D 225 6.86 32.02 17.06
CA SER D 225 8.04 32.74 16.60
C SER D 225 8.68 33.74 17.58
N LYS D 226 7.88 34.39 18.42
CA LYS D 226 8.46 35.36 19.35
C LYS D 226 9.20 34.74 20.53
N SER D 227 8.98 33.45 20.81
CA SER D 227 9.63 32.80 21.94
C SER D 227 10.48 31.56 21.62
N VAL D 228 10.28 30.96 20.45
CA VAL D 228 11.05 29.78 20.09
C VAL D 228 12.52 30.12 19.86
N LYS D 229 13.39 29.17 20.20
CA LYS D 229 14.83 29.34 20.00
C LYS D 229 15.33 28.17 19.16
N ILE D 230 16.34 28.42 18.34
CA ILE D 230 16.90 27.39 17.46
C ILE D 230 18.38 27.13 17.67
N GLU D 231 18.75 25.85 17.61
CA GLU D 231 20.15 25.47 17.75
C GLU D 231 20.54 24.52 16.63
N VAL D 232 21.59 24.88 15.90
CA VAL D 232 22.10 24.01 14.84
C VAL D 232 23.40 23.40 15.35
N HIS D 233 23.40 22.08 15.56
CA HIS D 233 24.59 21.38 16.04
C HIS D 233 25.26 20.59 14.92
N LEU D 234 26.48 21.01 14.57
CA LEU D 234 27.25 20.38 13.51
C LEU D 234 28.56 19.78 14.03
N THR D 235 29.12 18.86 13.27
CA THR D 235 30.40 18.24 13.62
C THR D 235 31.20 18.02 12.34
N THR D 236 32.52 18.09 12.46
CA THR D 236 33.40 17.84 11.33
C THR D 236 33.90 16.43 11.61
N LYS D 237 34.26 15.69 10.57
CA LYS D 237 34.70 14.31 10.76
C LYS D 237 35.79 14.11 11.80
N ASN D 238 36.83 14.95 11.76
CA ASN D 238 37.94 14.84 12.70
C ASN D 238 37.90 15.86 13.84
N GLY D 239 37.36 17.04 13.56
CA GLY D 239 37.29 18.07 14.59
C GLY D 239 38.08 19.31 14.20
#